data_2NB6
#
_entry.id   2NB6
#
_entity_poly.entity_id   1
_entity_poly.type   'polypeptide(L)'
_entity_poly.pdbx_seq_one_letter_code
;GCYPVPYPPFFTCDPN
;
_entity_poly.pdbx_strand_id   A
#
# COMPACT_ATOMS: atom_id res chain seq x y z
N GLY A 1 8.64 -2.17 1.69
CA GLY A 1 8.15 -2.17 0.33
C GLY A 1 6.73 -1.65 0.23
N CYS A 2 6.50 -0.73 -0.69
CA CYS A 2 5.18 -0.15 -0.90
C CYS A 2 4.65 -0.46 -2.29
N TYR A 3 3.39 -0.85 -2.37
CA TYR A 3 2.77 -1.18 -3.65
C TYR A 3 1.33 -0.66 -3.70
N PRO A 4 0.82 -0.45 -4.93
CA PRO A 4 -0.53 0.05 -5.15
C PRO A 4 -1.60 -0.97 -4.77
N VAL A 5 -2.76 -0.49 -4.35
CA VAL A 5 -3.86 -1.36 -3.96
C VAL A 5 -5.19 -0.84 -4.48
N PRO A 6 -6.16 -1.75 -4.65
CA PRO A 6 -7.49 -1.41 -5.15
C PRO A 6 -8.30 -0.58 -4.15
N TYR A 7 -8.33 -1.05 -2.90
CA TYR A 7 -9.06 -0.36 -1.85
C TYR A 7 -8.23 0.77 -1.26
N PRO A 8 -8.90 1.89 -0.93
CA PRO A 8 -8.24 3.06 -0.35
C PRO A 8 -7.77 2.81 1.08
N PRO A 9 -6.60 3.38 1.43
CA PRO A 9 -5.81 4.20 0.51
C PRO A 9 -5.18 3.37 -0.61
N PHE A 10 -4.92 4.02 -1.74
CA PHE A 10 -4.32 3.34 -2.89
C PHE A 10 -2.82 3.14 -2.67
N PHE A 11 -2.32 3.66 -1.57
CA PHE A 11 -0.90 3.55 -1.24
C PHE A 11 -0.69 2.65 -0.02
N THR A 12 -0.02 1.51 -0.24
CA THR A 12 0.24 0.56 0.84
C THR A 12 1.74 0.46 1.12
N CYS A 13 2.07 0.28 2.39
CA CYS A 13 3.47 0.17 2.80
C CYS A 13 3.63 -0.89 3.88
N ASP A 14 4.67 -1.71 3.75
CA ASP A 14 4.94 -2.77 4.73
C ASP A 14 5.51 -2.19 6.01
N PRO A 15 5.43 -2.96 7.10
CA PRO A 15 5.94 -2.54 8.41
C PRO A 15 7.47 -2.49 8.45
N ASN A 16 8.10 -3.25 7.57
CA ASN A 16 9.56 -3.28 7.50
C ASN A 16 10.10 -2.05 6.80
N GLY A 1 8.75 -2.66 0.89
CA GLY A 1 8.06 -2.78 -0.38
C GLY A 1 6.68 -2.13 -0.34
N CYS A 2 6.46 -1.17 -1.23
CA CYS A 2 5.19 -0.47 -1.30
C CYS A 2 4.61 -0.51 -2.71
N TYR A 3 3.35 -0.87 -2.83
CA TYR A 3 2.69 -0.95 -4.13
C TYR A 3 1.27 -0.41 -4.04
N PRO A 4 0.72 0.02 -5.20
CA PRO A 4 -0.62 0.57 -5.29
C PRO A 4 -1.70 -0.50 -5.07
N VAL A 5 -2.85 -0.08 -4.55
CA VAL A 5 -3.95 -0.99 -4.30
C VAL A 5 -5.28 -0.37 -4.71
N PRO A 6 -6.27 -1.24 -5.01
CA PRO A 6 -7.60 -0.80 -5.43
C PRO A 6 -8.38 -0.16 -4.29
N TYR A 7 -8.40 -0.83 -3.13
CA TYR A 7 -9.11 -0.31 -1.97
C TYR A 7 -8.26 0.71 -1.22
N PRO A 8 -8.92 1.78 -0.74
CA PRO A 8 -8.25 2.84 0.01
C PRO A 8 -7.78 2.39 1.39
N PRO A 9 -6.60 2.87 1.80
CA PRO A 9 -5.79 3.79 0.99
C PRO A 9 -5.19 3.11 -0.24
N PHE A 10 -4.90 3.90 -1.26
CA PHE A 10 -4.33 3.37 -2.49
C PHE A 10 -2.84 3.08 -2.32
N PHE A 11 -2.31 3.42 -1.14
CA PHE A 11 -0.89 3.21 -0.85
C PHE A 11 -0.72 2.11 0.19
N THR A 12 -0.08 1.03 -0.21
CA THR A 12 0.16 -0.10 0.70
C THR A 12 1.64 -0.41 0.80
N CYS A 13 2.22 -0.15 1.97
CA CYS A 13 3.63 -0.40 2.21
C CYS A 13 3.82 -1.43 3.31
N ASP A 14 5.05 -1.89 3.49
CA ASP A 14 5.37 -2.87 4.51
C ASP A 14 6.37 -2.31 5.51
N PRO A 15 5.85 -1.53 6.48
CA PRO A 15 6.68 -0.92 7.52
C PRO A 15 7.22 -1.94 8.51
N ASN A 16 8.54 -1.94 8.69
CA ASN A 16 9.18 -2.87 9.60
C ASN A 16 8.56 -2.79 11.00
N GLY A 1 8.93 -1.76 1.46
CA GLY A 1 8.40 -1.81 0.11
C GLY A 1 6.93 -1.47 0.05
N CYS A 2 6.59 -0.47 -0.76
CA CYS A 2 5.20 -0.05 -0.91
C CYS A 2 4.65 -0.44 -2.28
N TYR A 3 3.39 -0.85 -2.32
CA TYR A 3 2.74 -1.25 -3.56
C TYR A 3 1.31 -0.73 -3.63
N PRO A 4 0.79 -0.60 -4.85
CA PRO A 4 -0.58 -0.12 -5.08
C PRO A 4 -1.63 -1.13 -4.63
N VAL A 5 -2.79 -0.63 -4.22
CA VAL A 5 -3.88 -1.49 -3.76
C VAL A 5 -5.22 -1.01 -4.30
N PRO A 6 -6.18 -1.93 -4.40
CA PRO A 6 -7.53 -1.63 -4.90
C PRO A 6 -8.33 -0.76 -3.94
N TYR A 7 -8.34 -1.16 -2.67
CA TYR A 7 -9.08 -0.42 -1.65
C TYR A 7 -8.24 0.74 -1.12
N PRO A 8 -8.91 1.87 -0.85
CA PRO A 8 -8.25 3.08 -0.34
C PRO A 8 -7.77 2.92 1.09
N PRO A 9 -6.61 3.51 1.41
CA PRO A 9 -5.84 4.29 0.43
C PRO A 9 -5.21 3.41 -0.65
N PHE A 10 -4.96 3.99 -1.82
CA PHE A 10 -4.36 3.26 -2.92
C PHE A 10 -2.87 3.08 -2.71
N PHE A 11 -2.35 3.66 -1.63
CA PHE A 11 -0.93 3.56 -1.32
C PHE A 11 -0.71 2.70 -0.08
N THR A 12 -0.03 1.57 -0.26
CA THR A 12 0.24 0.67 0.85
C THR A 12 1.74 0.46 1.02
N CYS A 13 2.21 0.57 2.27
CA CYS A 13 3.62 0.39 2.57
C CYS A 13 3.83 -0.75 3.55
N ASP A 14 4.97 -1.42 3.45
CA ASP A 14 5.29 -2.55 4.32
C ASP A 14 6.50 -2.23 5.19
N PRO A 15 6.27 -1.47 6.27
CA PRO A 15 7.34 -1.07 7.20
C PRO A 15 7.86 -2.25 8.02
N ASN A 16 7.01 -3.25 8.21
CA ASN A 16 7.38 -4.44 8.97
C ASN A 16 8.53 -5.17 8.30
N GLY A 1 9.20 -0.48 -0.17
CA GLY A 1 8.40 -1.69 0.00
C GLY A 1 6.91 -1.41 -0.07
N CYS A 2 6.54 -0.39 -0.84
CA CYS A 2 5.13 -0.03 -0.99
C CYS A 2 4.59 -0.45 -2.35
N TYR A 3 3.33 -0.85 -2.39
CA TYR A 3 2.70 -1.27 -3.63
C TYR A 3 1.27 -0.75 -3.72
N PRO A 4 0.76 -0.66 -4.96
CA PRO A 4 -0.61 -0.16 -5.22
C PRO A 4 -1.67 -1.15 -4.74
N VAL A 5 -2.82 -0.63 -4.31
CA VAL A 5 -3.91 -1.46 -3.84
C VAL A 5 -5.25 -0.96 -4.37
N PRO A 6 -6.24 -1.86 -4.45
CA PRO A 6 -7.58 -1.54 -4.93
C PRO A 6 -8.35 -0.65 -3.97
N TYR A 7 -8.35 -1.04 -2.69
CA TYR A 7 -9.05 -0.27 -1.66
C TYR A 7 -8.18 0.85 -1.13
N PRO A 8 -8.81 2.01 -0.87
CA PRO A 8 -8.10 3.19 -0.35
C PRO A 8 -7.63 3.01 1.08
N PRO A 9 -6.45 3.58 1.40
CA PRO A 9 -5.66 4.33 0.42
C PRO A 9 -5.05 3.44 -0.65
N PHE A 10 -4.84 4.01 -1.83
CA PHE A 10 -4.27 3.27 -2.95
C PHE A 10 -2.78 3.03 -2.73
N PHE A 11 -2.23 3.64 -1.69
CA PHE A 11 -0.81 3.49 -1.37
C PHE A 11 -0.63 2.69 -0.08
N THR A 12 0.00 1.52 -0.20
CA THR A 12 0.23 0.66 0.94
C THR A 12 1.72 0.34 1.10
N CYS A 13 2.17 0.26 2.34
CA CYS A 13 3.58 -0.04 2.62
C CYS A 13 3.70 -1.17 3.64
N ASP A 14 4.86 -1.80 3.67
CA ASP A 14 5.10 -2.90 4.60
C ASP A 14 5.41 -2.37 6.00
N PRO A 15 5.26 -3.24 7.00
CA PRO A 15 5.51 -2.88 8.41
C PRO A 15 6.99 -2.66 8.69
N ASN A 16 7.83 -3.56 8.18
CA ASN A 16 9.27 -3.46 8.38
C ASN A 16 9.79 -2.10 7.91
N GLY A 1 9.30 -0.72 -0.05
CA GLY A 1 8.47 -1.91 -0.20
C GLY A 1 6.99 -1.59 -0.23
N CYS A 2 6.63 -0.54 -0.97
CA CYS A 2 5.23 -0.14 -1.08
C CYS A 2 4.66 -0.50 -2.44
N TYR A 3 3.40 -0.90 -2.46
CA TYR A 3 2.73 -1.28 -3.70
C TYR A 3 1.29 -0.75 -3.74
N PRO A 4 0.75 -0.60 -4.95
CA PRO A 4 -0.62 -0.11 -5.15
C PRO A 4 -1.66 -1.12 -4.70
N VAL A 5 -2.81 -0.61 -4.25
CA VAL A 5 -3.90 -1.47 -3.78
C VAL A 5 -5.25 -0.97 -4.29
N PRO A 6 -6.22 -1.89 -4.39
CA PRO A 6 -7.57 -1.57 -4.87
C PRO A 6 -8.34 -0.71 -3.87
N TYR A 7 -8.33 -1.13 -2.60
CA TYR A 7 -9.03 -0.40 -1.55
C TYR A 7 -8.19 0.75 -1.03
N PRO A 8 -8.84 1.88 -0.72
CA PRO A 8 -8.16 3.06 -0.19
C PRO A 8 -7.66 2.86 1.23
N PRO A 9 -6.48 3.45 1.53
CA PRO A 9 -5.72 4.24 0.55
C PRO A 9 -5.12 3.37 -0.55
N PHE A 10 -4.89 3.97 -1.71
CA PHE A 10 -4.33 3.25 -2.85
C PHE A 10 -2.82 3.05 -2.66
N PHE A 11 -2.28 3.62 -1.59
CA PHE A 11 -0.86 3.50 -1.30
C PHE A 11 -0.62 2.63 -0.07
N THR A 12 0.03 1.49 -0.28
CA THR A 12 0.32 0.56 0.81
C THR A 12 1.82 0.34 0.95
N CYS A 13 2.32 0.42 2.18
CA CYS A 13 3.74 0.22 2.45
C CYS A 13 3.94 -0.96 3.39
N ASP A 14 5.19 -1.40 3.51
CA ASP A 14 5.54 -2.51 4.38
C ASP A 14 6.47 -2.08 5.49
N PRO A 15 5.91 -1.46 6.54
CA PRO A 15 6.69 -0.98 7.70
C PRO A 15 7.23 -2.12 8.54
N ASN A 16 6.64 -3.29 8.40
CA ASN A 16 7.07 -4.47 9.15
C ASN A 16 8.37 -5.02 8.59
N GLY A 1 9.07 -1.54 0.84
CA GLY A 1 8.29 -2.17 -0.20
C GLY A 1 6.86 -1.65 -0.23
N CYS A 2 6.59 -0.71 -1.13
CA CYS A 2 5.25 -0.14 -1.25
C CYS A 2 4.66 -0.43 -2.63
N TYR A 3 3.40 -0.84 -2.65
CA TYR A 3 2.72 -1.15 -3.90
C TYR A 3 1.28 -0.64 -3.89
N PRO A 4 0.72 -0.42 -5.09
CA PRO A 4 -0.65 0.06 -5.24
C PRO A 4 -1.69 -0.97 -4.84
N VAL A 5 -2.83 -0.50 -4.36
CA VAL A 5 -3.91 -1.39 -3.92
C VAL A 5 -5.26 -0.87 -4.39
N PRO A 6 -6.23 -1.79 -4.51
CA PRO A 6 -7.59 -1.46 -4.95
C PRO A 6 -8.36 -0.65 -3.91
N TYR A 7 -8.33 -1.13 -2.67
CA TYR A 7 -9.02 -0.46 -1.57
C TYR A 7 -8.17 0.68 -1.00
N PRO A 8 -8.83 1.78 -0.64
CA PRO A 8 -8.15 2.96 -0.07
C PRO A 8 -7.62 2.69 1.33
N PRO A 9 -6.45 3.27 1.63
CA PRO A 9 -5.71 4.11 0.69
C PRO A 9 -5.12 3.30 -0.46
N PHE A 10 -4.92 3.96 -1.60
CA PHE A 10 -4.37 3.30 -2.78
C PHE A 10 -2.86 3.12 -2.63
N PHE A 11 -2.30 3.64 -1.54
CA PHE A 11 -0.87 3.52 -1.29
C PHE A 11 -0.60 2.61 -0.10
N THR A 12 0.06 1.49 -0.37
CA THR A 12 0.39 0.52 0.69
C THR A 12 1.89 0.42 0.90
N CYS A 13 2.30 0.23 2.15
CA CYS A 13 3.71 0.10 2.48
C CYS A 13 3.93 -0.98 3.52
N ASP A 14 5.14 -1.55 3.53
CA ASP A 14 5.48 -2.61 4.48
C ASP A 14 6.52 -2.10 5.48
N PRO A 15 6.06 -1.37 6.50
CA PRO A 15 6.93 -0.82 7.55
C PRO A 15 7.49 -1.91 8.46
N ASN A 16 6.75 -3.00 8.59
CA ASN A 16 7.16 -4.11 9.43
C ASN A 16 8.24 -4.95 8.74
N GLY A 1 9.21 -1.69 -0.10
CA GLY A 1 8.12 -2.63 -0.03
C GLY A 1 6.77 -1.95 -0.03
N CYS A 2 6.51 -1.15 -1.06
CA CYS A 2 5.25 -0.43 -1.17
C CYS A 2 4.68 -0.57 -2.58
N TYR A 3 3.41 -0.95 -2.66
CA TYR A 3 2.74 -1.11 -3.95
C TYR A 3 1.31 -0.57 -3.90
N PRO A 4 0.78 -0.23 -5.09
CA PRO A 4 -0.59 0.31 -5.21
C PRO A 4 -1.64 -0.74 -4.91
N VAL A 5 -2.80 -0.29 -4.42
CA VAL A 5 -3.90 -1.19 -4.10
C VAL A 5 -5.23 -0.61 -4.56
N PRO A 6 -6.21 -1.49 -4.79
CA PRO A 6 -7.55 -1.09 -5.23
C PRO A 6 -8.34 -0.37 -4.13
N TYR A 7 -8.35 -0.96 -2.94
CA TYR A 7 -9.06 -0.39 -1.81
C TYR A 7 -8.22 0.68 -1.13
N PRO A 8 -8.87 1.77 -0.70
CA PRO A 8 -8.21 2.89 -0.02
C PRO A 8 -7.72 2.51 1.37
N PRO A 9 -6.54 3.03 1.75
CA PRO A 9 -5.75 3.92 0.89
C PRO A 9 -5.16 3.18 -0.30
N PHE A 10 -4.89 3.91 -1.37
CA PHE A 10 -4.31 3.33 -2.58
C PHE A 10 -2.82 3.07 -2.40
N PHE A 11 -2.29 3.49 -1.25
CA PHE A 11 -0.87 3.30 -0.96
C PHE A 11 -0.67 2.28 0.16
N THR A 12 -0.04 1.16 -0.17
CA THR A 12 0.21 0.11 0.81
C THR A 12 1.70 -0.18 0.93
N CYS A 13 2.27 0.16 2.07
CA CYS A 13 3.69 -0.06 2.32
C CYS A 13 3.90 -1.00 3.50
N ASP A 14 5.06 -1.63 3.55
CA ASP A 14 5.39 -2.56 4.63
C ASP A 14 6.56 -2.04 5.47
N PRO A 15 6.26 -1.12 6.39
CA PRO A 15 7.28 -0.52 7.27
C PRO A 15 7.80 -1.51 8.30
N ASN A 16 6.95 -2.45 8.69
CA ASN A 16 7.33 -3.45 9.68
C ASN A 16 7.83 -4.72 8.99
N GLY A 1 9.04 -1.85 -0.08
CA GLY A 1 7.98 -2.83 -0.13
C GLY A 1 6.60 -2.20 -0.19
N CYS A 2 6.50 -1.09 -0.91
CA CYS A 2 5.23 -0.39 -1.06
C CYS A 2 4.68 -0.53 -2.48
N TYR A 3 3.41 -0.91 -2.57
CA TYR A 3 2.76 -1.08 -3.86
C TYR A 3 1.33 -0.55 -3.84
N PRO A 4 0.81 -0.20 -5.03
CA PRO A 4 -0.54 0.33 -5.17
C PRO A 4 -1.61 -0.73 -4.89
N VAL A 5 -2.77 -0.27 -4.41
CA VAL A 5 -3.87 -1.18 -4.11
C VAL A 5 -5.20 -0.60 -4.58
N PRO A 6 -6.17 -1.49 -4.83
CA PRO A 6 -7.52 -1.10 -5.30
C PRO A 6 -8.31 -0.38 -4.21
N TYR A 7 -8.34 -0.97 -3.02
CA TYR A 7 -9.07 -0.39 -1.90
C TYR A 7 -8.24 0.69 -1.20
N PRO A 8 -8.90 1.78 -0.79
CA PRO A 8 -8.25 2.90 -0.11
C PRO A 8 -7.78 2.52 1.29
N PRO A 9 -6.62 3.05 1.69
CA PRO A 9 -5.82 3.93 0.84
C PRO A 9 -5.19 3.19 -0.34
N PHE A 10 -4.92 3.92 -1.42
CA PHE A 10 -4.32 3.33 -2.61
C PHE A 10 -2.84 3.08 -2.41
N PHE A 11 -2.32 3.51 -1.26
CA PHE A 11 -0.91 3.33 -0.94
C PHE A 11 -0.72 2.31 0.19
N THR A 12 -0.08 1.20 -0.13
CA THR A 12 0.16 0.14 0.85
C THR A 12 1.65 -0.15 1.00
N CYS A 13 2.21 0.21 2.15
CA CYS A 13 3.62 0.00 2.41
C CYS A 13 3.81 -0.94 3.60
N ASP A 14 4.95 -1.62 3.63
CA ASP A 14 5.26 -2.56 4.72
C ASP A 14 6.51 -2.12 5.47
N PRO A 15 6.34 -1.15 6.39
CA PRO A 15 7.44 -0.62 7.20
C PRO A 15 7.94 -1.63 8.22
N ASN A 16 7.06 -2.56 8.61
CA ASN A 16 7.42 -3.58 9.58
C ASN A 16 8.67 -4.34 9.15
N GLY A 1 8.82 -1.56 1.53
CA GLY A 1 8.27 -1.83 0.22
C GLY A 1 6.79 -1.53 0.13
N CYS A 2 6.45 -0.49 -0.62
CA CYS A 2 5.05 -0.09 -0.78
C CYS A 2 4.54 -0.45 -2.17
N TYR A 3 3.28 -0.84 -2.25
CA TYR A 3 2.66 -1.22 -3.50
C TYR A 3 1.24 -0.69 -3.61
N PRO A 4 0.74 -0.54 -4.84
CA PRO A 4 -0.61 -0.04 -5.10
C PRO A 4 -1.69 -1.04 -4.69
N VAL A 5 -2.84 -0.53 -4.29
CA VAL A 5 -3.96 -1.39 -3.88
C VAL A 5 -5.28 -0.88 -4.45
N PRO A 6 -6.25 -1.80 -4.59
CA PRO A 6 -7.57 -1.47 -5.12
C PRO A 6 -8.38 -0.61 -4.16
N TYR A 7 -8.43 -1.03 -2.90
CA TYR A 7 -9.17 -0.31 -1.87
C TYR A 7 -8.35 0.85 -1.32
N PRO A 8 -9.03 1.98 -1.06
CA PRO A 8 -8.37 3.19 -0.53
C PRO A 8 -7.94 3.01 0.92
N PRO A 9 -6.77 3.59 1.25
CA PRO A 9 -5.95 4.35 0.30
C PRO A 9 -5.32 3.45 -0.76
N PHE A 10 -5.00 4.03 -1.91
CA PHE A 10 -4.39 3.28 -3.00
C PHE A 10 -2.90 3.07 -2.74
N PHE A 11 -2.41 3.64 -1.64
CA PHE A 11 -1.00 3.52 -1.29
C PHE A 11 -0.83 2.65 -0.04
N THR A 12 -0.16 1.52 -0.21
CA THR A 12 0.08 0.59 0.90
C THR A 12 1.57 0.35 1.11
N CYS A 13 2.01 0.45 2.36
CA CYS A 13 3.41 0.23 2.69
C CYS A 13 3.58 -0.96 3.63
N ASP A 14 4.63 -1.74 3.41
CA ASP A 14 4.90 -2.91 4.23
C ASP A 14 6.24 -2.77 4.95
N PRO A 15 6.23 -2.02 6.07
CA PRO A 15 7.43 -1.79 6.87
C PRO A 15 7.90 -3.06 7.59
N ASN A 16 8.93 -2.90 8.44
CA ASN A 16 9.46 -4.03 9.19
C ASN A 16 9.41 -3.76 10.69
N GLY A 1 9.17 -1.87 -0.24
CA GLY A 1 8.14 -2.85 -0.55
C GLY A 1 6.75 -2.23 -0.56
N CYS A 2 6.61 -1.09 -1.23
CA CYS A 2 5.33 -0.40 -1.31
C CYS A 2 4.74 -0.51 -2.71
N TYR A 3 3.47 -0.88 -2.78
CA TYR A 3 2.78 -1.01 -4.06
C TYR A 3 1.36 -0.48 -3.98
N PRO A 4 0.80 -0.10 -5.14
CA PRO A 4 -0.56 0.44 -5.23
C PRO A 4 -1.62 -0.63 -4.96
N VAL A 5 -2.76 -0.18 -4.43
CA VAL A 5 -3.85 -1.10 -4.12
C VAL A 5 -5.20 -0.51 -4.54
N PRO A 6 -6.17 -1.39 -4.79
CA PRO A 6 -7.53 -0.98 -5.19
C PRO A 6 -8.29 -0.29 -4.07
N TYR A 7 -8.29 -0.92 -2.89
CA TYR A 7 -8.98 -0.36 -1.73
C TYR A 7 -8.13 0.69 -1.05
N PRO A 8 -8.78 1.77 -0.59
CA PRO A 8 -8.10 2.88 0.10
C PRO A 8 -7.61 2.48 1.48
N PRO A 9 -6.43 2.98 1.86
CA PRO A 9 -5.64 3.87 1.01
C PRO A 9 -5.05 3.15 -0.21
N PHE A 10 -4.79 3.90 -1.27
CA PHE A 10 -4.23 3.32 -2.49
C PHE A 10 -2.74 3.07 -2.32
N PHE A 11 -2.19 3.45 -1.18
CA PHE A 11 -0.78 3.26 -0.90
C PHE A 11 -0.57 2.20 0.18
N THR A 12 0.07 1.10 -0.18
CA THR A 12 0.33 0.02 0.76
C THR A 12 1.82 -0.28 0.86
N CYS A 13 2.41 0.03 2.00
CA CYS A 13 3.84 -0.20 2.23
C CYS A 13 4.05 -1.18 3.37
N ASP A 14 5.25 -1.76 3.43
CA ASP A 14 5.58 -2.71 4.48
C ASP A 14 5.36 -2.11 5.86
N PRO A 15 5.18 -2.98 6.87
CA PRO A 15 4.96 -2.55 8.26
C PRO A 15 6.20 -1.93 8.88
N ASN A 16 7.35 -2.58 8.68
CA ASN A 16 8.61 -2.09 9.23
C ASN A 16 9.20 -1.00 8.34
N GLY A 1 8.44 -3.69 0.38
CA GLY A 1 8.13 -2.94 -0.81
C GLY A 1 6.74 -2.32 -0.76
N CYS A 2 6.60 -1.15 -1.37
CA CYS A 2 5.32 -0.44 -1.38
C CYS A 2 4.73 -0.42 -2.80
N TYR A 3 3.46 -0.80 -2.91
CA TYR A 3 2.78 -0.83 -4.20
C TYR A 3 1.36 -0.30 -4.07
N PRO A 4 0.81 0.17 -5.20
CA PRO A 4 -0.56 0.71 -5.25
C PRO A 4 -1.62 -0.36 -5.06
N VAL A 5 -2.76 0.02 -4.51
CA VAL A 5 -3.86 -0.90 -4.28
C VAL A 5 -5.20 -0.29 -4.65
N PRO A 6 -6.18 -1.15 -4.98
CA PRO A 6 -7.52 -0.70 -5.36
C PRO A 6 -8.29 -0.11 -4.19
N TYR A 7 -8.29 -0.81 -3.06
CA TYR A 7 -8.98 -0.35 -1.87
C TYR A 7 -8.14 0.64 -1.09
N PRO A 8 -8.80 1.68 -0.56
CA PRO A 8 -8.12 2.73 0.23
C PRO A 8 -7.64 2.22 1.57
N PRO A 9 -6.45 2.70 1.99
CA PRO A 9 -5.67 3.65 1.20
C PRO A 9 -5.07 3.03 -0.05
N PHE A 10 -4.80 3.86 -1.06
CA PHE A 10 -4.24 3.39 -2.32
C PHE A 10 -2.75 3.12 -2.17
N PHE A 11 -2.21 3.40 -0.99
CA PHE A 11 -0.79 3.20 -0.73
C PHE A 11 -0.59 2.06 0.27
N THR A 12 0.05 0.99 -0.18
CA THR A 12 0.32 -0.15 0.68
C THR A 12 1.80 -0.46 0.76
N CYS A 13 2.39 -0.23 1.93
CA CYS A 13 3.81 -0.48 2.14
C CYS A 13 4.03 -1.54 3.21
N ASP A 14 5.28 -1.97 3.37
CA ASP A 14 5.62 -2.98 4.37
C ASP A 14 5.67 -2.37 5.77
N PRO A 15 5.48 -3.22 6.79
CA PRO A 15 5.49 -2.78 8.19
C PRO A 15 6.89 -2.38 8.66
N ASN A 16 7.24 -1.12 8.41
CA ASN A 16 8.56 -0.61 8.80
C ASN A 16 8.59 -0.31 10.30
N GLY A 1 9.33 -1.42 -0.28
CA GLY A 1 8.39 -2.39 -0.80
C GLY A 1 6.96 -1.90 -0.77
N CYS A 2 6.70 -0.81 -1.48
CA CYS A 2 5.36 -0.24 -1.53
C CYS A 2 4.73 -0.43 -2.91
N TYR A 3 3.46 -0.82 -2.93
CA TYR A 3 2.74 -1.04 -4.17
C TYR A 3 1.31 -0.52 -4.08
N PRO A 4 0.72 -0.23 -5.25
CA PRO A 4 -0.65 0.28 -5.33
C PRO A 4 -1.69 -0.76 -4.95
N VAL A 5 -2.81 -0.32 -4.40
CA VAL A 5 -3.88 -1.23 -4.00
C VAL A 5 -5.25 -0.66 -4.39
N PRO A 6 -6.24 -1.57 -4.55
CA PRO A 6 -7.60 -1.18 -4.93
C PRO A 6 -8.32 -0.45 -3.80
N TYR A 7 -8.26 -1.01 -2.59
CA TYR A 7 -8.92 -0.41 -1.43
C TYR A 7 -8.03 0.66 -0.82
N PRO A 8 -8.67 1.74 -0.36
CA PRO A 8 -7.96 2.87 0.27
C PRO A 8 -7.39 2.51 1.64
N PRO A 9 -6.20 3.05 1.95
CA PRO A 9 -5.48 3.94 1.04
C PRO A 9 -4.94 3.21 -0.19
N PHE A 10 -4.75 3.95 -1.27
CA PHE A 10 -4.25 3.37 -2.51
C PHE A 10 -2.74 3.15 -2.43
N PHE A 11 -2.15 3.59 -1.31
CA PHE A 11 -0.70 3.45 -1.11
C PHE A 11 -0.42 2.44 0.01
N THR A 12 0.23 1.34 -0.35
CA THR A 12 0.56 0.31 0.62
C THR A 12 2.07 0.18 0.78
N CYS A 13 2.50 -0.12 2.00
CA CYS A 13 3.92 -0.28 2.29
C CYS A 13 4.16 -1.42 3.28
N ASP A 14 5.37 -1.97 3.25
CA ASP A 14 5.72 -3.07 4.14
C ASP A 14 5.50 -2.69 5.59
N PRO A 15 5.34 -3.70 6.47
CA PRO A 15 5.12 -3.49 7.90
C PRO A 15 6.35 -2.95 8.61
N ASN A 16 6.58 -1.65 8.48
CA ASN A 16 7.73 -1.01 9.11
C ASN A 16 7.51 -0.86 10.62
N GLY A 1 8.69 -2.71 -1.19
CA GLY A 1 7.91 -2.92 0.01
C GLY A 1 6.53 -2.28 -0.08
N CYS A 2 6.46 -1.14 -0.76
CA CYS A 2 5.21 -0.42 -0.90
C CYS A 2 4.69 -0.53 -2.34
N TYR A 3 3.42 -0.90 -2.48
CA TYR A 3 2.81 -1.04 -3.79
C TYR A 3 1.38 -0.50 -3.79
N PRO A 4 0.88 -0.13 -4.98
CA PRO A 4 -0.46 0.42 -5.14
C PRO A 4 -1.54 -0.64 -4.92
N VAL A 5 -2.71 -0.19 -4.46
CA VAL A 5 -3.82 -1.10 -4.21
C VAL A 5 -5.14 -0.51 -4.70
N PRO A 6 -6.11 -1.38 -5.00
CA PRO A 6 -7.43 -0.97 -5.48
C PRO A 6 -8.26 -0.28 -4.40
N TYR A 7 -8.32 -0.89 -3.22
CA TYR A 7 -9.07 -0.34 -2.10
C TYR A 7 -8.26 0.72 -1.37
N PRO A 8 -8.93 1.80 -0.95
CA PRO A 8 -8.28 2.91 -0.22
C PRO A 8 -7.86 2.49 1.19
N PRO A 9 -6.70 3.00 1.63
CA PRO A 9 -5.87 3.91 0.81
C PRO A 9 -5.23 3.19 -0.37
N PHE A 10 -4.92 3.95 -1.42
CA PHE A 10 -4.29 3.38 -2.61
C PHE A 10 -2.81 3.13 -2.38
N PHE A 11 -2.32 3.51 -1.20
CA PHE A 11 -0.92 3.32 -0.85
C PHE A 11 -0.77 2.27 0.25
N THR A 12 -0.12 1.17 -0.08
CA THR A 12 0.09 0.09 0.88
C THR A 12 1.57 -0.21 1.06
N CYS A 13 2.10 0.11 2.24
CA CYS A 13 3.51 -0.11 2.53
C CYS A 13 3.66 -1.09 3.70
N ASP A 14 4.89 -1.56 3.90
CA ASP A 14 5.17 -2.50 4.99
C ASP A 14 5.59 -1.76 6.26
N PRO A 15 5.48 -2.44 7.40
CA PRO A 15 5.84 -1.86 8.70
C PRO A 15 7.34 -1.66 8.84
N ASN A 16 8.12 -2.66 8.47
CA ASN A 16 9.57 -2.58 8.56
C ASN A 16 10.20 -2.64 7.17
N GLY A 1 8.93 -2.01 0.60
CA GLY A 1 7.95 -2.85 -0.04
C GLY A 1 6.58 -2.20 -0.10
N CYS A 2 6.46 -1.15 -0.90
CA CYS A 2 5.19 -0.43 -1.05
C CYS A 2 4.65 -0.56 -2.47
N TYR A 3 3.38 -0.93 -2.58
CA TYR A 3 2.74 -1.09 -3.88
C TYR A 3 1.32 -0.54 -3.86
N PRO A 4 0.81 -0.19 -5.05
CA PRO A 4 -0.55 0.36 -5.19
C PRO A 4 -1.63 -0.69 -4.93
N VAL A 5 -2.78 -0.24 -4.46
CA VAL A 5 -3.89 -1.14 -4.16
C VAL A 5 -5.22 -0.55 -4.65
N PRO A 6 -6.19 -1.43 -4.91
CA PRO A 6 -7.52 -1.03 -5.37
C PRO A 6 -8.32 -0.32 -4.29
N TYR A 7 -8.36 -0.93 -3.10
CA TYR A 7 -9.10 -0.35 -1.98
C TYR A 7 -8.26 0.71 -1.27
N PRO A 8 -8.93 1.80 -0.85
CA PRO A 8 -8.28 2.90 -0.15
C PRO A 8 -7.83 2.52 1.26
N PRO A 9 -6.65 3.03 1.67
CA PRO A 9 -5.84 3.92 0.82
C PRO A 9 -5.22 3.19 -0.36
N PHE A 10 -4.93 3.94 -1.42
CA PHE A 10 -4.33 3.35 -2.62
C PHE A 10 -2.84 3.10 -2.40
N PHE A 11 -2.33 3.50 -1.25
CA PHE A 11 -0.92 3.31 -0.92
C PHE A 11 -0.76 2.28 0.18
N THR A 12 -0.11 1.17 -0.13
CA THR A 12 0.12 0.10 0.83
C THR A 12 1.60 -0.19 0.98
N CYS A 13 2.15 0.15 2.15
CA CYS A 13 3.57 -0.09 2.42
C CYS A 13 3.74 -1.04 3.60
N ASP A 14 4.90 -1.67 3.67
CA ASP A 14 5.20 -2.62 4.74
C ASP A 14 6.34 -2.11 5.61
N PRO A 15 6.02 -1.19 6.53
CA PRO A 15 7.00 -0.60 7.45
C PRO A 15 7.50 -1.60 8.47
N ASN A 16 8.52 -2.36 8.11
CA ASN A 16 9.09 -3.37 9.00
C ASN A 16 8.05 -4.43 9.38
N GLY A 1 8.83 -1.06 1.82
CA GLY A 1 8.30 -1.46 0.52
C GLY A 1 6.82 -1.20 0.40
N CYS A 2 6.46 -0.24 -0.45
CA CYS A 2 5.07 0.10 -0.67
C CYS A 2 4.58 -0.40 -2.03
N TYR A 3 3.31 -0.82 -2.07
CA TYR A 3 2.72 -1.33 -3.30
C TYR A 3 1.29 -0.82 -3.48
N PRO A 4 0.82 -0.80 -4.73
CA PRO A 4 -0.54 -0.35 -5.06
C PRO A 4 -1.61 -1.31 -4.56
N VAL A 5 -2.77 -0.76 -4.20
CA VAL A 5 -3.88 -1.57 -3.71
C VAL A 5 -5.20 -1.12 -4.31
N PRO A 6 -6.17 -2.04 -4.36
CA PRO A 6 -7.51 -1.75 -4.91
C PRO A 6 -8.30 -0.80 -4.03
N TYR A 7 -8.35 -1.11 -2.73
CA TYR A 7 -9.08 -0.28 -1.78
C TYR A 7 -8.24 0.89 -1.31
N PRO A 8 -8.88 2.06 -1.14
CA PRO A 8 -8.21 3.27 -0.68
C PRO A 8 -7.77 3.18 0.78
N PRO A 9 -6.61 3.78 1.10
CA PRO A 9 -5.79 4.48 0.10
C PRO A 9 -5.14 3.53 -0.89
N PHE A 10 -4.90 4.01 -2.10
CA PHE A 10 -4.28 3.20 -3.15
C PHE A 10 -2.79 2.98 -2.87
N PHE A 11 -2.29 3.67 -1.85
CA PHE A 11 -0.89 3.55 -1.48
C PHE A 11 -0.74 2.84 -0.13
N THR A 12 -0.11 1.67 -0.15
CA THR A 12 0.09 0.89 1.06
C THR A 12 1.57 0.59 1.27
N CYS A 13 1.99 0.56 2.54
CA CYS A 13 3.37 0.28 2.88
C CYS A 13 3.46 -0.78 3.98
N ASP A 14 4.50 -1.62 3.89
CA ASP A 14 4.70 -2.67 4.88
C ASP A 14 5.61 -2.20 6.02
N PRO A 15 5.55 -2.90 7.15
CA PRO A 15 6.36 -2.57 8.33
C PRO A 15 7.83 -2.86 8.12
N ASN A 16 8.13 -3.86 7.29
CA ASN A 16 9.51 -4.23 7.00
C ASN A 16 10.18 -3.18 6.12
N GLY A 1 9.38 -1.60 -0.93
CA GLY A 1 8.28 -2.55 -0.76
C GLY A 1 6.94 -1.88 -0.66
N CYS A 2 6.59 -1.10 -1.69
CA CYS A 2 5.32 -0.40 -1.72
C CYS A 2 4.68 -0.48 -3.11
N TYR A 3 3.40 -0.85 -3.13
CA TYR A 3 2.68 -0.98 -4.40
C TYR A 3 1.25 -0.44 -4.26
N PRO A 4 0.65 -0.05 -5.39
CA PRO A 4 -0.71 0.48 -5.43
C PRO A 4 -1.76 -0.58 -5.12
N VAL A 5 -2.87 -0.15 -4.53
CA VAL A 5 -3.95 -1.06 -4.19
C VAL A 5 -5.31 -0.45 -4.51
N PRO A 6 -6.31 -1.32 -4.73
CA PRO A 6 -7.68 -0.89 -5.05
C PRO A 6 -8.37 -0.24 -3.86
N TYR A 7 -8.30 -0.89 -2.71
CA TYR A 7 -8.93 -0.37 -1.49
C TYR A 7 -8.03 0.64 -0.81
N PRO A 8 -8.64 1.71 -0.27
CA PRO A 8 -7.91 2.77 0.42
C PRO A 8 -7.34 2.30 1.76
N PRO A 9 -6.13 2.79 2.10
CA PRO A 9 -5.39 3.73 1.24
C PRO A 9 -4.87 3.06 -0.03
N PHE A 10 -4.70 3.85 -1.07
CA PHE A 10 -4.21 3.34 -2.35
C PHE A 10 -2.71 3.05 -2.28
N PHE A 11 -2.10 3.42 -1.16
CA PHE A 11 -0.67 3.20 -0.97
C PHE A 11 -0.42 2.17 0.11
N THR A 12 0.17 1.04 -0.27
CA THR A 12 0.47 -0.03 0.67
C THR A 12 1.95 -0.37 0.68
N CYS A 13 2.62 -0.05 1.78
CA CYS A 13 4.05 -0.32 1.91
C CYS A 13 4.31 -1.35 3.00
N ASP A 14 5.53 -1.89 3.02
CA ASP A 14 5.90 -2.90 4.01
C ASP A 14 5.67 -2.38 5.43
N PRO A 15 5.53 -3.31 6.38
CA PRO A 15 5.30 -2.97 7.79
C PRO A 15 6.52 -2.34 8.44
N ASN A 16 6.30 -1.56 9.49
CA ASN A 16 7.38 -0.90 10.20
C ASN A 16 7.49 -1.41 11.63
N GLY A 1 8.80 -1.11 1.54
CA GLY A 1 8.26 -1.50 0.25
C GLY A 1 6.77 -1.23 0.15
N CYS A 2 6.40 -0.25 -0.66
CA CYS A 2 4.99 0.10 -0.85
C CYS A 2 4.50 -0.35 -2.21
N TYR A 3 3.24 -0.76 -2.27
CA TYR A 3 2.63 -1.23 -3.51
C TYR A 3 1.20 -0.72 -3.66
N PRO A 4 0.72 -0.66 -4.90
CA PRO A 4 -0.64 -0.20 -5.19
C PRO A 4 -1.70 -1.19 -4.73
N VAL A 5 -2.85 -0.66 -4.31
CA VAL A 5 -3.95 -1.50 -3.85
C VAL A 5 -5.29 -1.00 -4.39
N PRO A 6 -6.27 -1.92 -4.46
CA PRO A 6 -7.61 -1.60 -4.96
C PRO A 6 -8.39 -0.71 -4.00
N TYR A 7 -8.40 -1.09 -2.73
CA TYR A 7 -9.10 -0.32 -1.71
C TYR A 7 -8.26 0.85 -1.23
N PRO A 8 -8.92 2.00 -0.99
CA PRO A 8 -8.26 3.21 -0.52
C PRO A 8 -7.77 3.09 0.92
N PRO A 9 -6.59 3.67 1.19
CA PRO A 9 -5.79 4.39 0.20
C PRO A 9 -5.20 3.45 -0.85
N PHE A 10 -4.95 3.98 -2.04
CA PHE A 10 -4.38 3.19 -3.13
C PHE A 10 -2.89 2.97 -2.90
N PHE A 11 -2.35 3.60 -1.87
CA PHE A 11 -0.93 3.46 -1.54
C PHE A 11 -0.74 2.83 -0.18
N THR A 12 -0.14 1.64 -0.16
CA THR A 12 0.10 0.91 1.08
C THR A 12 1.57 0.56 1.24
N CYS A 13 2.05 0.55 2.47
CA CYS A 13 3.45 0.22 2.76
C CYS A 13 3.55 -0.90 3.79
N ASP A 14 4.45 -1.83 3.54
CA ASP A 14 4.64 -2.96 4.45
C ASP A 14 6.04 -2.91 5.09
N PRO A 15 6.18 -2.07 6.13
CA PRO A 15 7.45 -1.91 6.84
C PRO A 15 7.82 -3.14 7.66
N ASN A 16 9.02 -3.14 8.22
CA ASN A 16 9.48 -4.27 9.03
C ASN A 16 9.04 -4.11 10.48
N GLY A 1 9.02 -1.38 0.75
CA GLY A 1 8.41 -1.66 -0.53
C GLY A 1 6.92 -1.39 -0.54
N CYS A 2 6.51 -0.34 -1.24
CA CYS A 2 5.10 0.01 -1.33
C CYS A 2 4.54 -0.33 -2.71
N TYR A 3 3.27 -0.74 -2.73
CA TYR A 3 2.61 -1.10 -3.97
C TYR A 3 1.17 -0.59 -4.00
N PRO A 4 0.62 -0.44 -5.21
CA PRO A 4 -0.74 0.05 -5.40
C PRO A 4 -1.79 -0.98 -4.97
N VAL A 5 -2.91 -0.49 -4.45
CA VAL A 5 -3.99 -1.37 -4.00
C VAL A 5 -5.36 -0.83 -4.42
N PRO A 6 -6.33 -1.74 -4.53
CA PRO A 6 -7.70 -1.39 -4.93
C PRO A 6 -8.42 -0.59 -3.86
N TYR A 7 -8.37 -1.06 -2.63
CA TYR A 7 -9.02 -0.39 -1.51
C TYR A 7 -8.15 0.75 -0.97
N PRO A 8 -8.80 1.87 -0.62
CA PRO A 8 -8.10 3.05 -0.08
C PRO A 8 -7.55 2.80 1.31
N PRO A 9 -6.36 3.37 1.58
CA PRO A 9 -5.62 4.16 0.60
C PRO A 9 -5.07 3.32 -0.55
N PHE A 10 -4.89 3.94 -1.70
CA PHE A 10 -4.37 3.26 -2.88
C PHE A 10 -2.87 3.01 -2.75
N PHE A 11 -2.28 3.56 -1.69
CA PHE A 11 -0.85 3.41 -1.46
C PHE A 11 -0.59 2.65 -0.16
N THR A 12 0.01 1.48 -0.27
CA THR A 12 0.32 0.65 0.90
C THR A 12 1.79 0.29 0.95
N CYS A 13 2.33 0.18 2.15
CA CYS A 13 3.73 -0.16 2.35
C CYS A 13 3.89 -1.36 3.27
N ASP A 14 5.09 -1.90 3.34
CA ASP A 14 5.37 -3.06 4.18
C ASP A 14 6.30 -2.67 5.34
N PRO A 15 5.72 -2.06 6.38
CA PRO A 15 6.47 -1.63 7.56
C PRO A 15 6.97 -2.80 8.40
N ASN A 16 8.12 -2.63 9.03
CA ASN A 16 8.70 -3.67 9.86
C ASN A 16 8.16 -3.60 11.29
N GLY A 1 9.35 -0.41 -0.64
CA GLY A 1 8.58 -1.62 -0.45
C GLY A 1 7.08 -1.35 -0.44
N CYS A 2 6.66 -0.33 -1.19
CA CYS A 2 5.26 0.02 -1.28
C CYS A 2 4.67 -0.39 -2.62
N TYR A 3 3.41 -0.81 -2.61
CA TYR A 3 2.73 -1.23 -3.83
C TYR A 3 1.29 -0.72 -3.86
N PRO A 4 0.72 -0.62 -5.07
CA PRO A 4 -0.65 -0.14 -5.27
C PRO A 4 -1.68 -1.14 -4.75
N VAL A 5 -2.81 -0.63 -4.28
CA VAL A 5 -3.88 -1.47 -3.77
C VAL A 5 -5.25 -0.98 -4.24
N PRO A 6 -6.22 -1.90 -4.28
CA PRO A 6 -7.59 -1.59 -4.72
C PRO A 6 -8.33 -0.71 -3.70
N TYR A 7 -8.27 -1.10 -2.44
CA TYR A 7 -8.94 -0.35 -1.37
C TYR A 7 -8.06 0.78 -0.88
N PRO A 8 -8.68 1.93 -0.58
CA PRO A 8 -7.97 3.12 -0.09
C PRO A 8 -7.43 2.92 1.33
N PRO A 9 -6.25 3.50 1.60
CA PRO A 9 -5.51 4.27 0.60
C PRO A 9 -4.93 3.39 -0.51
N PHE A 10 -4.78 3.97 -1.70
CA PHE A 10 -4.24 3.25 -2.83
C PHE A 10 -2.74 3.01 -2.68
N PHE A 11 -2.16 3.63 -1.66
CA PHE A 11 -0.73 3.48 -1.39
C PHE A 11 -0.49 2.68 -0.12
N THR A 12 0.14 1.52 -0.27
CA THR A 12 0.44 0.65 0.86
C THR A 12 1.92 0.34 0.95
N CYS A 13 2.44 0.25 2.17
CA CYS A 13 3.85 -0.04 2.39
C CYS A 13 4.01 -1.18 3.39
N ASP A 14 5.20 -1.77 3.41
CA ASP A 14 5.50 -2.88 4.32
C ASP A 14 5.24 -2.46 5.77
N PRO A 15 5.02 -3.46 6.64
CA PRO A 15 4.74 -3.24 8.06
C PRO A 15 5.96 -2.72 8.81
N ASN A 16 7.11 -3.36 8.59
CA ASN A 16 8.35 -2.97 9.23
C ASN A 16 8.96 -1.74 8.56
N GLY A 1 9.00 -0.75 0.33
CA GLY A 1 8.14 -1.90 0.09
C GLY A 1 6.68 -1.52 0.01
N CYS A 2 6.36 -0.57 -0.84
CA CYS A 2 4.99 -0.11 -1.02
C CYS A 2 4.47 -0.45 -2.41
N TYR A 3 3.20 -0.83 -2.50
CA TYR A 3 2.59 -1.18 -3.77
C TYR A 3 1.16 -0.64 -3.86
N PRO A 4 0.68 -0.46 -5.10
CA PRO A 4 -0.68 0.04 -5.34
C PRO A 4 -1.76 -0.97 -4.95
N VAL A 5 -2.89 -0.46 -4.50
CA VAL A 5 -4.00 -1.32 -4.09
C VAL A 5 -5.34 -0.77 -4.59
N PRO A 6 -6.32 -1.66 -4.74
CA PRO A 6 -7.66 -1.28 -5.22
C PRO A 6 -8.43 -0.47 -4.18
N TYR A 7 -8.44 -0.95 -2.95
CA TYR A 7 -9.14 -0.26 -1.86
C TYR A 7 -8.29 0.86 -1.29
N PRO A 8 -8.93 1.99 -0.97
CA PRO A 8 -8.25 3.17 -0.41
C PRO A 8 -7.77 2.92 1.02
N PRO A 9 -6.58 3.45 1.35
CA PRO A 9 -5.78 4.23 0.39
C PRO A 9 -5.19 3.36 -0.71
N PHE A 10 -4.92 3.98 -1.85
CA PHE A 10 -4.35 3.26 -2.99
C PHE A 10 -2.86 2.99 -2.79
N PHE A 11 -2.32 3.52 -1.69
CA PHE A 11 -0.90 3.34 -1.37
C PHE A 11 -0.73 2.56 -0.08
N THR A 12 -0.14 1.37 -0.18
CA THR A 12 0.09 0.53 0.99
C THR A 12 1.58 0.31 1.22
N CYS A 13 1.96 0.12 2.48
CA CYS A 13 3.35 -0.11 2.85
C CYS A 13 3.46 -1.15 3.95
N ASP A 14 4.45 -2.02 3.83
CA ASP A 14 4.68 -3.07 4.82
C ASP A 14 6.05 -2.91 5.47
N PRO A 15 6.12 -2.01 6.47
CA PRO A 15 7.36 -1.75 7.20
C PRO A 15 7.77 -2.91 8.10
N ASN A 16 8.99 -2.86 8.61
CA ASN A 16 9.49 -3.91 9.49
C ASN A 16 10.12 -3.32 10.75
#